data_3HID
#
_entry.id   3HID
#
_cell.length_a   68.903
_cell.length_b   68.903
_cell.length_c   199.166
_cell.angle_alpha   90.00
_cell.angle_beta   90.00
_cell.angle_gamma   90.00
#
_symmetry.space_group_name_H-M   'P 43 21 2'
#
loop_
_entity.id
_entity.type
_entity.pdbx_description
1 polymer 'Adenylosuccinate synthetase'
2 non-polymer 1-(2-METHOXY-ETHOXY)-2-{2-[2-(2-METHOXY-ETHOXY]-ETHOXY}-ETHANE
3 water water
#
_entity_poly.entity_id   1
_entity_poly.type   'polypeptide(L)'
_entity_poly.pdbx_seq_one_letter_code
;MGKNVVVLGTQWGDEGKGKVVDLLTERAKYVVRYQGGHNAGHTLVINGEKTVLHLIPSGILRENVISIIGNGVVLAPDAL
MKEMTELEARGVPVRERLLLSEACPLILPYHVALDNAREKARGAKAIGTTGRGIGPAYEDKVARRGLRVSDLFNKETFAI
KLKEIVEYHNFQLVHYYKEAAVDYQKVLDDVLAIADILTAMVVDVSELLDNARKQGELIMFEGAQGTLLDIDHGTYPYVT
SSNTTAGGVATGSGLGPRYVDYVLGIVKAYSTRVGAGPFPTELNDETGEFLRKQGNEYGATTGRSRRTGWLDIVAVRRAV
QINSLSGFCMTKLDVLDGLKEVKLCVGYRMPDGREVDTTPLAAEGWEGIEPIYETMPGWSETTFGVKEHSKLPQAALNYI
QRVEELTGVPIDIISTGPDRDETMILRDPFDA
;
_entity_poly.pdbx_strand_id   A
#
# COMPACT_ATOMS: atom_id res chain seq x y z
N MET A 1 9.18 18.15 -20.14
CA MET A 1 8.83 17.98 -18.69
C MET A 1 7.85 16.79 -18.56
N GLY A 2 8.16 15.86 -17.66
CA GLY A 2 7.32 14.65 -17.46
C GLY A 2 6.22 14.82 -16.42
N LYS A 3 5.80 13.69 -15.84
CA LYS A 3 4.61 13.62 -15.02
C LYS A 3 5.00 13.02 -13.68
N ASN A 4 4.58 13.62 -12.55
CA ASN A 4 4.57 12.89 -11.25
C ASN A 4 3.81 11.60 -11.44
N VAL A 5 4.23 10.56 -10.71
CA VAL A 5 3.59 9.28 -10.88
C VAL A 5 3.16 8.86 -9.48
N VAL A 6 1.92 8.45 -9.36
CA VAL A 6 1.41 7.87 -8.11
C VAL A 6 1.27 6.37 -8.35
N VAL A 7 1.86 5.56 -7.47
CA VAL A 7 1.82 4.10 -7.60
C VAL A 7 0.97 3.56 -6.45
N LEU A 8 -0.07 2.80 -6.73
CA LEU A 8 -0.94 2.30 -5.67
C LEU A 8 -1.52 0.96 -6.05
N GLY A 9 -1.97 0.22 -5.04
CA GLY A 9 -2.59 -1.09 -5.29
C GLY A 9 -4.05 -0.97 -5.70
N THR A 10 -4.43 -1.68 -6.75
CA THR A 10 -5.77 -1.55 -7.29
C THR A 10 -6.81 -2.49 -6.71
N GLN A 11 -6.39 -3.41 -5.85
CA GLN A 11 -7.27 -4.52 -5.45
C GLN A 11 -7.48 -4.47 -3.94
N TRP A 12 -7.21 -5.57 -3.23
CA TRP A 12 -7.36 -5.60 -1.78
C TRP A 12 -5.99 -5.83 -1.14
N GLY A 13 -4.97 -5.16 -1.67
CA GLY A 13 -3.62 -5.25 -1.12
C GLY A 13 -2.75 -6.35 -1.72
N ASP A 14 -1.48 -6.37 -1.33
CA ASP A 14 -0.55 -7.42 -1.74
C ASP A 14 -0.41 -7.54 -3.25
N GLU A 15 -0.54 -6.41 -3.94
CA GLU A 15 -0.41 -6.42 -5.39
C GLU A 15 1.02 -6.47 -5.86
N GLY A 16 1.97 -6.25 -4.98
CA GLY A 16 3.40 -6.35 -5.36
C GLY A 16 3.94 -5.00 -5.80
N LYS A 17 3.59 -3.97 -5.05
CA LYS A 17 3.92 -2.57 -5.37
C LYS A 17 5.39 -2.21 -5.10
N GLY A 18 5.98 -2.79 -4.05
CA GLY A 18 7.33 -2.39 -3.61
C GLY A 18 8.34 -2.49 -4.74
N LYS A 19 8.31 -3.60 -5.42
CA LYS A 19 9.17 -3.88 -6.54
C LYS A 19 9.05 -2.81 -7.64
N VAL A 20 7.84 -2.37 -7.89
CA VAL A 20 7.55 -1.45 -8.99
C VAL A 20 8.05 -0.04 -8.63
N VAL A 21 7.86 0.39 -7.38
CA VAL A 21 8.34 1.69 -6.95
C VAL A 21 9.87 1.72 -7.03
N ASP A 22 10.48 0.66 -6.55
CA ASP A 22 11.94 0.62 -6.61
C ASP A 22 12.45 0.66 -8.05
N LEU A 23 11.81 -0.08 -8.97
CA LEU A 23 12.30 -0.11 -10.34
C LEU A 23 12.15 1.26 -11.00
N LEU A 24 11.10 1.99 -10.62
CA LEU A 24 10.76 3.25 -11.29
C LEU A 24 11.42 4.46 -10.63
N THR A 25 12.05 4.27 -9.50
CA THR A 25 12.66 5.41 -8.77
C THR A 25 13.93 5.81 -9.45
N GLU A 26 14.58 4.80 -10.04
CA GLU A 26 15.87 4.94 -10.69
C GLU A 26 15.89 6.29 -11.38
N ARG A 27 14.73 6.67 -11.90
CA ARG A 27 14.55 7.96 -12.59
C ARG A 27 14.26 9.15 -11.68
N ALA A 28 13.46 8.93 -10.62
CA ALA A 28 12.86 10.03 -9.82
C ALA A 28 13.87 10.74 -8.91
N LYS A 29 13.53 11.96 -8.51
CA LYS A 29 14.33 12.69 -7.48
C LYS A 29 13.76 12.52 -6.07
N TYR A 30 12.44 12.51 -5.92
CA TYR A 30 11.76 12.23 -4.65
C TYR A 30 10.82 11.03 -4.72
N VAL A 31 10.80 10.22 -3.67
CA VAL A 31 9.81 9.19 -3.44
C VAL A 31 9.11 9.47 -2.11
N VAL A 32 7.79 9.53 -2.16
CA VAL A 32 6.97 10.03 -1.03
C VAL A 32 5.90 9.05 -0.62
N ARG A 33 5.97 8.54 0.60
CA ARG A 33 4.82 7.81 1.18
C ARG A 33 3.81 8.82 1.66
N TYR A 34 2.51 8.59 1.42
CA TYR A 34 1.48 9.53 1.73
C TYR A 34 0.32 9.02 2.56
N GLN A 35 0.31 7.75 2.92
CA GLN A 35 -0.70 7.31 3.86
C GLN A 35 -0.38 5.96 4.50
N GLY A 36 -1.17 5.58 5.49
CA GLY A 36 -0.94 4.34 6.23
C GLY A 36 0.14 4.44 7.28
N GLY A 37 0.57 3.26 7.72
CA GLY A 37 1.59 3.14 8.77
C GLY A 37 2.67 2.17 8.40
N HIS A 38 3.18 1.48 9.43
CA HIS A 38 4.33 0.57 9.31
C HIS A 38 3.87 -0.85 9.07
N ASN A 39 2.95 -0.99 8.13
CA ASN A 39 2.49 -2.30 7.73
C ASN A 39 2.48 -2.45 6.21
N ALA A 40 3.30 -1.68 5.49
CA ALA A 40 3.31 -1.71 4.03
C ALA A 40 3.66 -3.10 3.49
N GLY A 41 4.69 -3.71 4.09
CA GLY A 41 5.16 -5.02 3.67
C GLY A 41 5.64 -5.01 2.23
N HIS A 42 6.35 -3.94 1.85
CA HIS A 42 6.77 -3.78 0.46
C HIS A 42 8.12 -4.44 0.24
N THR A 43 8.18 -5.42 -0.67
CA THR A 43 9.33 -6.30 -0.77
C THR A 43 10.15 -6.01 -2.02
N LEU A 44 11.44 -5.74 -1.84
CA LEU A 44 12.34 -5.47 -2.97
C LEU A 44 13.32 -6.61 -3.11
N VAL A 45 13.60 -7.00 -4.35
CA VAL A 45 14.61 -8.00 -4.65
C VAL A 45 15.50 -7.46 -5.74
N ILE A 46 16.76 -7.21 -5.37
CA ILE A 46 17.71 -6.58 -6.27
C ILE A 46 18.89 -7.53 -6.36
N ASN A 47 19.19 -7.99 -7.57
CA ASN A 47 20.25 -8.98 -7.77
C ASN A 47 20.12 -10.17 -6.79
N GLY A 48 18.87 -10.58 -6.56
CA GLY A 48 18.56 -11.72 -5.70
C GLY A 48 18.53 -11.50 -4.20
N GLU A 49 18.83 -10.27 -3.75
CA GLU A 49 18.87 -9.92 -2.33
C GLU A 49 17.57 -9.23 -1.94
N LYS A 50 16.94 -9.74 -0.87
CA LYS A 50 15.61 -9.27 -0.47
C LYS A 50 15.71 -8.13 0.56
N THR A 51 14.87 -7.11 0.39
CA THR A 51 14.66 -6.11 1.42
C THR A 51 13.18 -5.98 1.70
N VAL A 52 12.76 -6.01 2.98
CA VAL A 52 11.34 -5.69 3.30
C VAL A 52 11.18 -4.32 3.97
N LEU A 53 10.27 -3.52 3.45
CA LEU A 53 10.03 -2.21 4.06
C LEU A 53 8.63 -2.10 4.50
N HIS A 54 8.46 -1.55 5.69
CA HIS A 54 7.12 -1.31 6.20
C HIS A 54 6.75 0.14 6.29
N LEU A 55 7.76 0.97 6.54
CA LEU A 55 7.53 2.36 6.82
C LEU A 55 8.34 3.23 5.89
N ILE A 56 9.64 2.96 5.80
CA ILE A 56 10.51 3.71 4.95
C ILE A 56 10.07 3.48 3.47
N PRO A 57 10.06 4.57 2.66
CA PRO A 57 9.55 4.42 1.30
C PRO A 57 10.50 3.55 0.46
N SER A 58 9.91 2.99 -0.57
CA SER A 58 10.55 2.01 -1.42
C SER A 58 11.56 2.57 -2.41
N GLY A 59 11.87 3.86 -2.33
CA GLY A 59 12.98 4.43 -3.07
C GLY A 59 14.29 4.43 -2.29
N ILE A 60 14.28 3.92 -1.08
CA ILE A 60 15.43 4.16 -0.15
C ILE A 60 16.73 3.46 -0.62
N LEU A 61 16.59 2.44 -1.47
CA LEU A 61 17.79 1.73 -1.96
C LEU A 61 18.48 2.43 -3.13
N ARG A 62 17.91 3.54 -3.61
CA ARG A 62 18.42 4.23 -4.82
C ARG A 62 19.22 5.47 -4.45
N GLU A 63 20.43 5.58 -4.98
CA GLU A 63 21.25 6.79 -4.79
C GLU A 63 20.62 8.03 -5.43
N ASN A 64 21.05 9.20 -4.97
CA ASN A 64 20.58 10.49 -5.51
C ASN A 64 19.07 10.70 -5.44
N VAL A 65 18.35 9.83 -4.71
CA VAL A 65 16.91 9.92 -4.54
C VAL A 65 16.65 10.27 -3.08
N ILE A 66 15.75 11.20 -2.84
CA ILE A 66 15.36 11.59 -1.48
C ILE A 66 13.99 10.96 -1.17
N SER A 67 13.93 10.18 -0.09
CA SER A 67 12.70 9.55 0.32
C SER A 67 12.07 10.42 1.40
N ILE A 68 10.75 10.53 1.35
CA ILE A 68 10.00 11.38 2.26
C ILE A 68 8.84 10.61 2.85
N ILE A 69 8.71 10.64 4.18
CA ILE A 69 7.52 10.14 4.88
C ILE A 69 6.61 11.35 5.07
N GLY A 70 5.56 11.42 4.24
CA GLY A 70 4.68 12.57 4.25
C GLY A 70 3.68 12.51 5.39
N ASN A 71 3.01 13.62 5.58
CA ASN A 71 2.12 13.84 6.73
C ASN A 71 1.02 12.82 6.85
N GLY A 72 0.63 12.18 5.76
CA GLY A 72 -0.52 11.28 5.82
C GLY A 72 -0.16 9.97 6.49
N VAL A 73 1.14 9.73 6.67
CA VAL A 73 1.64 8.50 7.31
C VAL A 73 1.66 8.67 8.82
N VAL A 74 1.08 7.69 9.53
CA VAL A 74 1.19 7.65 10.99
C VAL A 74 2.48 6.88 11.34
N LEU A 75 3.24 7.44 12.28
CA LEU A 75 4.64 7.10 12.47
C LEU A 75 4.87 6.51 13.87
N ALA A 76 5.21 5.23 13.94
CA ALA A 76 5.68 4.61 15.21
C ALA A 76 7.20 4.81 15.32
N PRO A 77 7.66 5.61 16.29
CA PRO A 77 9.08 5.96 16.33
C PRO A 77 9.99 4.73 16.48
N ASP A 78 9.56 3.77 17.31
CA ASP A 78 10.33 2.54 17.54
C ASP A 78 10.53 1.79 16.22
N ALA A 79 9.45 1.72 15.43
CA ALA A 79 9.44 1.02 14.14
C ALA A 79 10.37 1.70 13.14
N LEU A 80 10.34 3.03 13.11
CA LEU A 80 11.22 3.77 12.21
C LEU A 80 12.69 3.56 12.60
N MET A 81 12.97 3.63 13.90
CA MET A 81 14.33 3.45 14.37
C MET A 81 14.87 2.06 14.03
N LYS A 82 14.04 1.04 14.20
CA LYS A 82 14.42 -0.34 13.88
C LYS A 82 14.73 -0.52 12.39
N GLU A 83 13.85 -0.03 11.52
CA GLU A 83 14.12 -0.09 10.09
C GLU A 83 15.36 0.70 9.69
N MET A 84 15.52 1.88 10.26
CA MET A 84 16.69 2.74 10.01
C MET A 84 17.97 1.97 10.36
N THR A 85 18.04 1.52 11.61
CA THR A 85 19.23 0.84 12.15
C THR A 85 19.60 -0.40 11.32
N GLU A 86 18.62 -1.17 10.90
CA GLU A 86 18.86 -2.39 10.10
C GLU A 86 19.26 -2.15 8.64
N LEU A 87 18.67 -1.14 8.02
CA LEU A 87 19.12 -0.71 6.69
C LEU A 87 20.53 -0.17 6.82
N GLU A 88 20.78 0.59 7.87
CA GLU A 88 22.09 1.21 8.06
C GLU A 88 23.19 0.18 8.33
N ALA A 89 22.85 -0.87 9.07
CA ALA A 89 23.81 -1.97 9.34
C ALA A 89 24.17 -2.70 8.05
N ARG A 90 23.28 -2.65 7.07
CA ARG A 90 23.61 -3.07 5.72
C ARG A 90 24.28 -1.84 5.07
N GLY A 91 24.29 -1.72 3.76
CA GLY A 91 25.02 -0.59 3.18
C GLY A 91 24.32 0.78 3.23
N VAL A 92 23.07 0.83 3.69
CA VAL A 92 22.15 1.89 3.27
C VAL A 92 22.19 3.12 4.19
N PRO A 93 22.70 4.26 3.69
CA PRO A 93 22.83 5.43 4.55
C PRO A 93 21.48 6.17 4.70
N VAL A 94 20.59 5.60 5.50
CA VAL A 94 19.20 6.07 5.59
C VAL A 94 19.07 7.55 5.91
N ARG A 95 19.84 8.01 6.90
CA ARG A 95 19.74 9.39 7.39
C ARG A 95 20.16 10.44 6.40
N GLU A 96 20.88 10.03 5.36
CA GLU A 96 21.31 10.94 4.33
C GLU A 96 20.16 11.18 3.37
N ARG A 97 19.28 10.18 3.25
CA ARG A 97 18.33 10.09 2.16
C ARG A 97 16.87 10.32 2.61
N LEU A 98 16.62 10.42 3.90
CA LEU A 98 15.23 10.33 4.42
C LEU A 98 14.80 11.62 5.10
N LEU A 99 13.65 12.15 4.66
CA LEU A 99 13.04 13.33 5.29
C LEU A 99 11.67 12.98 5.82
N LEU A 100 11.23 13.75 6.83
CA LEU A 100 9.95 13.56 7.48
C LEU A 100 9.11 14.84 7.47
N SER A 101 7.80 14.70 7.33
CA SER A 101 6.88 15.79 7.64
C SER A 101 6.68 15.96 9.14
N GLU A 102 6.75 17.20 9.62
CA GLU A 102 6.42 17.51 11.02
C GLU A 102 4.98 17.11 11.37
N ALA A 103 4.11 16.96 10.37
CA ALA A 103 2.69 16.73 10.61
C ALA A 103 2.33 15.25 10.75
N CYS A 104 3.30 14.36 10.59
CA CYS A 104 3.07 12.93 10.89
C CYS A 104 2.64 12.73 12.33
N PRO A 105 1.45 12.10 12.55
CA PRO A 105 1.10 11.68 13.89
C PRO A 105 2.06 10.61 14.39
N LEU A 106 2.23 10.60 15.71
CA LEU A 106 3.01 9.56 16.39
C LEU A 106 2.11 8.43 16.87
N ILE A 107 2.51 7.20 16.53
CA ILE A 107 1.92 6.01 17.11
C ILE A 107 2.76 5.65 18.33
N LEU A 108 2.11 5.63 19.50
CA LEU A 108 2.80 5.29 20.75
C LEU A 108 2.17 4.05 21.39
N PRO A 109 2.83 3.52 22.45
CA PRO A 109 2.40 2.24 22.96
C PRO A 109 0.95 2.12 23.44
N TYR A 110 0.35 3.21 23.88
CA TYR A 110 -1.04 3.14 24.29
C TYR A 110 -1.93 2.87 23.07
N HIS A 111 -1.51 3.30 21.88
CA HIS A 111 -2.28 3.01 20.66
C HIS A 111 -2.27 1.52 20.37
N VAL A 112 -1.11 0.89 20.54
CA VAL A 112 -0.96 -0.55 20.40
C VAL A 112 -1.85 -1.27 21.42
N ALA A 113 -1.82 -0.77 22.66
CA ALA A 113 -2.68 -1.31 23.73
C ALA A 113 -4.16 -1.24 23.38
N LEU A 114 -4.59 -0.07 22.90
CA LEU A 114 -5.99 0.12 22.52
C LEU A 114 -6.37 -0.79 21.36
N ASP A 115 -5.49 -0.87 20.37
CA ASP A 115 -5.75 -1.65 19.18
C ASP A 115 -5.92 -3.09 19.57
N ASN A 116 -5.03 -3.60 20.41
CA ASN A 116 -5.12 -5.01 20.81
C ASN A 116 -6.35 -5.30 21.66
N ALA A 117 -6.68 -4.39 22.58
CA ALA A 117 -7.83 -4.58 23.45
C ALA A 117 -9.11 -4.63 22.64
N ARG A 118 -9.17 -3.79 21.62
CA ARG A 118 -10.36 -3.71 20.77
C ARG A 118 -10.51 -5.01 20.01
N GLU A 119 -9.42 -5.47 19.43
CA GLU A 119 -9.45 -6.70 18.65
C GLU A 119 -9.82 -7.89 19.53
N LYS A 120 -9.21 -7.96 20.72
CA LYS A 120 -9.55 -8.98 21.71
C LYS A 120 -11.06 -8.98 21.97
N ALA A 121 -11.64 -7.80 22.17
CA ALA A 121 -13.09 -7.71 22.42
C ALA A 121 -13.96 -8.38 21.34
N ARG A 122 -13.37 -8.81 20.23
CA ARG A 122 -14.13 -9.53 19.16
C ARG A 122 -13.87 -11.03 19.12
N GLY A 131 2.49 -3.29 12.42
CA GLY A 131 1.56 -2.18 12.13
C GLY A 131 0.47 -1.96 13.17
N ARG A 132 0.73 -2.31 14.42
CA ARG A 132 -0.28 -2.15 15.46
C ARG A 132 -0.36 -0.66 15.87
N GLY A 133 -1.56 -0.25 16.23
CA GLY A 133 -1.82 1.10 16.71
C GLY A 133 -2.13 2.14 15.65
N ILE A 134 -2.12 1.74 14.36
CA ILE A 134 -2.37 2.68 13.26
C ILE A 134 -3.75 3.35 13.38
N GLY A 135 -4.80 2.55 13.53
CA GLY A 135 -6.16 3.08 13.68
C GLY A 135 -6.33 4.04 14.82
N PRO A 136 -5.92 3.63 16.03
CA PRO A 136 -6.07 4.54 17.15
C PRO A 136 -5.28 5.86 16.98
N ALA A 137 -4.13 5.80 16.29
CA ALA A 137 -3.40 7.04 16.01
C ALA A 137 -4.18 7.95 15.08
N TYR A 138 -4.79 7.39 14.03
CA TYR A 138 -5.59 8.21 13.13
C TYR A 138 -6.80 8.78 13.88
N GLU A 139 -7.34 8.04 14.82
CA GLU A 139 -8.47 8.50 15.59
C GLU A 139 -8.11 9.70 16.45
N ASP A 140 -6.98 9.61 17.19
CA ASP A 140 -6.50 10.74 17.96
C ASP A 140 -6.23 11.96 17.09
N LYS A 141 -5.73 11.72 15.88
CA LYS A 141 -5.50 12.80 14.92
C LYS A 141 -6.79 13.59 14.64
N VAL A 142 -7.87 12.87 14.31
CA VAL A 142 -9.14 13.51 13.98
C VAL A 142 -9.64 14.32 15.17
N ALA A 143 -9.45 13.81 16.38
CA ALA A 143 -9.89 14.47 17.60
C ALA A 143 -8.99 15.66 17.99
N ARG A 144 -7.85 15.79 17.31
CA ARG A 144 -6.83 16.78 17.65
C ARG A 144 -6.37 16.63 19.08
N ARG A 145 -6.37 15.39 19.53
CA ARG A 145 -5.85 15.10 20.88
C ARG A 145 -4.55 14.34 20.88
N GLY A 146 -4.03 14.02 19.68
CA GLY A 146 -2.82 13.22 19.58
C GLY A 146 -1.55 14.07 19.57
N LEU A 147 -0.47 13.45 19.16
CA LEU A 147 0.82 14.05 19.08
C LEU A 147 1.34 13.89 17.66
N ARG A 148 2.19 14.81 17.26
CA ARG A 148 2.89 14.78 15.97
C ARG A 148 4.36 15.00 16.14
N VAL A 149 5.08 14.73 15.07
CA VAL A 149 6.50 15.02 15.05
C VAL A 149 6.77 16.46 15.48
N SER A 150 5.93 17.40 15.05
CA SER A 150 6.08 18.83 15.40
C SER A 150 6.10 19.08 16.91
N ASP A 151 5.43 18.23 17.68
CA ASP A 151 5.39 18.38 19.14
C ASP A 151 6.74 18.03 19.80
N LEU A 152 7.63 17.35 19.07
CA LEU A 152 8.91 16.93 19.66
C LEU A 152 9.90 18.10 19.80
N PHE A 153 9.63 19.22 19.13
CA PHE A 153 10.56 20.40 19.11
C PHE A 153 10.54 21.24 20.39
N ASN A 154 9.60 20.98 21.27
CA ASN A 154 9.63 21.50 22.62
C ASN A 154 9.39 20.30 23.58
N LYS A 155 10.46 19.83 24.19
CA LYS A 155 10.40 18.64 25.03
C LYS A 155 9.60 18.85 26.31
N GLU A 156 9.59 20.08 26.80
CA GLU A 156 8.80 20.39 28.00
C GLU A 156 7.32 20.34 27.74
N THR A 157 6.84 20.97 26.68
CA THR A 157 5.43 20.91 26.39
C THR A 157 5.05 19.54 25.80
N PHE A 158 6.00 18.88 25.15
CA PHE A 158 5.75 17.50 24.72
C PHE A 158 5.31 16.62 25.91
N ALA A 159 6.06 16.74 27.00
CA ALA A 159 5.80 15.96 28.18
C ALA A 159 4.42 16.26 28.75
N ILE A 160 4.04 17.54 28.75
CA ILE A 160 2.74 17.94 29.28
C ILE A 160 1.60 17.40 28.41
N LYS A 161 1.75 17.53 27.09
CA LYS A 161 0.75 17.00 26.14
C LYS A 161 0.64 15.47 26.26
N LEU A 162 1.79 14.81 26.37
CA LEU A 162 1.83 13.34 26.48
C LEU A 162 1.12 12.86 27.76
N LYS A 163 1.36 13.54 28.88
CA LYS A 163 0.74 13.15 30.14
C LYS A 163 -0.77 13.18 30.03
N GLU A 164 -1.30 14.22 29.39
CA GLU A 164 -2.72 14.32 29.24
C GLU A 164 -3.31 13.18 28.42
N ILE A 165 -2.67 12.85 27.30
CA ILE A 165 -3.16 11.82 26.44
C ILE A 165 -3.03 10.43 27.07
N VAL A 166 -1.93 10.18 27.77
CA VAL A 166 -1.76 8.89 28.42
C VAL A 166 -2.81 8.70 29.49
N GLU A 167 -3.06 9.76 30.28
CA GLU A 167 -4.11 9.71 31.30
C GLU A 167 -5.47 9.40 30.70
N TYR A 168 -5.80 10.06 29.61
CA TYR A 168 -7.06 9.86 28.94
C TYR A 168 -7.27 8.42 28.50
N HIS A 169 -6.30 7.85 27.81
CA HIS A 169 -6.49 6.52 27.29
C HIS A 169 -6.39 5.48 28.38
N ASN A 170 -5.65 5.79 29.45
CA ASN A 170 -5.57 4.85 30.58
C ASN A 170 -6.92 4.67 31.26
N PHE A 171 -7.77 5.68 31.22
CA PHE A 171 -9.09 5.52 31.79
C PHE A 171 -9.84 4.41 31.08
N GLN A 172 -9.83 4.44 29.75
CA GLN A 172 -10.49 3.40 29.00
C GLN A 172 -9.83 2.05 29.13
N LEU A 173 -8.49 2.02 29.02
CA LEU A 173 -7.76 0.78 29.13
C LEU A 173 -8.05 0.07 30.45
N VAL A 174 -8.01 0.81 31.55
CA VAL A 174 -8.20 0.22 32.88
C VAL A 174 -9.66 -0.09 33.15
N HIS A 175 -10.54 0.87 32.96
CA HIS A 175 -11.92 0.70 33.44
C HIS A 175 -12.85 0.03 32.44
N TYR A 176 -12.62 0.23 31.15
CA TYR A 176 -13.48 -0.36 30.14
C TYR A 176 -12.91 -1.70 29.68
N TYR A 177 -11.65 -1.71 29.25
CA TYR A 177 -11.02 -2.92 28.73
C TYR A 177 -10.45 -3.85 29.80
N LYS A 178 -10.32 -3.37 31.04
CA LYS A 178 -9.77 -4.19 32.14
C LYS A 178 -8.32 -4.61 31.88
N GLU A 179 -7.59 -3.74 31.21
CA GLU A 179 -6.17 -3.93 30.91
C GLU A 179 -5.30 -3.05 31.82
N ALA A 180 -3.99 -3.29 31.78
CA ALA A 180 -3.01 -2.56 32.56
C ALA A 180 -2.93 -1.12 32.06
N ALA A 181 -2.72 -0.18 32.97
CA ALA A 181 -2.39 1.19 32.57
C ALA A 181 -1.02 1.23 31.91
N VAL A 182 -0.91 2.07 30.90
CA VAL A 182 0.34 2.36 30.24
C VAL A 182 1.15 3.31 31.10
N ASP A 183 2.45 3.04 31.21
CA ASP A 183 3.35 3.85 32.05
C ASP A 183 3.81 5.09 31.27
N TYR A 184 3.26 6.23 31.65
CA TYR A 184 3.61 7.51 31.06
C TYR A 184 5.12 7.73 30.99
N GLN A 185 5.82 7.47 32.10
CA GLN A 185 7.22 7.81 32.12
C GLN A 185 8.01 6.98 31.15
N LYS A 186 7.69 5.68 31.03
CA LYS A 186 8.41 4.81 30.10
C LYS A 186 8.17 5.27 28.64
N VAL A 187 6.94 5.60 28.35
CA VAL A 187 6.60 6.10 27.00
C VAL A 187 7.41 7.37 26.69
N LEU A 188 7.42 8.31 27.64
CA LEU A 188 8.23 9.51 27.53
C LEU A 188 9.70 9.23 27.36
N ASP A 189 10.25 8.40 28.24
CA ASP A 189 11.67 8.10 28.19
C ASP A 189 12.05 7.58 26.80
N ASP A 190 11.24 6.68 26.27
CA ASP A 190 11.59 6.04 25.00
C ASP A 190 11.50 7.03 23.82
N VAL A 191 10.56 7.94 23.89
CA VAL A 191 10.48 8.99 22.88
C VAL A 191 11.66 9.96 23.01
N LEU A 192 11.96 10.42 24.24
CA LEU A 192 13.08 11.35 24.41
C LEU A 192 14.43 10.81 23.92
N ALA A 193 14.64 9.50 24.04
CA ALA A 193 15.90 8.89 23.61
C ALA A 193 16.16 9.01 22.13
N ILE A 194 15.11 9.19 21.33
CA ILE A 194 15.27 9.22 19.88
C ILE A 194 14.72 10.49 19.23
N ALA A 195 14.15 11.39 20.03
CA ALA A 195 13.50 12.58 19.48
C ALA A 195 14.39 13.35 18.50
N ASP A 196 15.65 13.56 18.87
CA ASP A 196 16.53 14.42 18.09
C ASP A 196 16.84 13.80 16.72
N ILE A 197 16.83 12.48 16.64
CA ILE A 197 17.01 11.77 15.38
C ILE A 197 15.84 12.12 14.45
N LEU A 198 14.62 12.07 14.97
CA LEU A 198 13.45 12.40 14.15
C LEU A 198 13.41 13.87 13.77
N THR A 199 13.61 14.77 14.73
CA THR A 199 13.48 16.19 14.41
C THR A 199 14.53 16.67 13.39
N ALA A 200 15.69 16.01 13.36
CA ALA A 200 16.75 16.35 12.41
C ALA A 200 16.37 16.13 10.95
N MET A 201 15.38 15.26 10.74
CA MET A 201 14.89 14.86 9.41
C MET A 201 13.74 15.71 8.93
N VAL A 202 13.26 16.63 9.75
CA VAL A 202 12.09 17.43 9.37
C VAL A 202 12.44 18.49 8.32
N VAL A 203 11.58 18.58 7.30
CA VAL A 203 11.62 19.64 6.31
C VAL A 203 10.23 20.12 6.00
N ASP A 204 10.14 21.29 5.36
CA ASP A 204 8.86 21.81 4.85
C ASP A 204 8.56 21.06 3.56
N VAL A 205 7.78 19.98 3.68
CA VAL A 205 7.53 19.06 2.54
C VAL A 205 6.72 19.77 1.45
N SER A 206 5.73 20.56 1.84
CA SER A 206 4.91 21.29 0.83
C SER A 206 5.78 22.19 -0.04
N GLU A 207 6.68 22.93 0.59
CA GLU A 207 7.58 23.81 -0.13
C GLU A 207 8.52 22.99 -1.02
N LEU A 208 9.09 21.91 -0.49
CA LEU A 208 9.96 21.07 -1.30
C LEU A 208 9.26 20.58 -2.55
N LEU A 209 8.03 20.10 -2.41
CA LEU A 209 7.32 19.50 -3.55
C LEU A 209 6.91 20.53 -4.60
N ASP A 210 6.53 21.72 -4.15
CA ASP A 210 6.19 22.84 -5.00
C ASP A 210 7.43 23.19 -5.80
N ASN A 211 8.53 23.40 -5.10
CA ASN A 211 9.77 23.79 -5.75
C ASN A 211 10.22 22.71 -6.72
N ALA A 212 10.03 21.45 -6.35
CA ALA A 212 10.49 20.36 -7.22
C ALA A 212 9.88 20.43 -8.61
N ARG A 213 8.59 20.71 -8.69
CA ARG A 213 7.92 20.86 -9.99
C ARG A 213 8.51 22.00 -10.79
N LYS A 214 8.69 23.13 -10.12
CA LYS A 214 9.22 24.28 -10.79
C LYS A 214 10.66 24.05 -11.22
N GLN A 215 11.39 23.20 -10.50
CA GLN A 215 12.77 22.84 -10.81
C GLN A 215 12.92 21.83 -11.91
N GLY A 216 11.79 21.24 -12.32
CA GLY A 216 11.83 20.26 -13.41
C GLY A 216 12.08 18.85 -12.92
N GLU A 217 11.87 18.61 -11.63
CA GLU A 217 12.07 17.31 -11.06
C GLU A 217 10.68 16.65 -10.95
N LEU A 218 10.69 15.35 -10.96
CA LEU A 218 9.42 14.66 -10.83
C LEU A 218 9.44 13.85 -9.54
N ILE A 219 8.23 13.56 -9.11
CA ILE A 219 7.99 13.02 -7.80
C ILE A 219 7.31 11.64 -8.09
N MET A 220 7.72 10.64 -7.32
CA MET A 220 6.99 9.36 -7.25
C MET A 220 6.31 9.27 -5.89
N PHE A 221 5.02 9.00 -5.90
CA PHE A 221 4.23 8.78 -4.69
C PHE A 221 3.88 7.34 -4.51
N GLU A 222 4.17 6.83 -3.33
CA GLU A 222 3.95 5.42 -3.03
C GLU A 222 2.75 5.21 -2.09
N GLY A 223 1.70 4.56 -2.56
CA GLY A 223 0.59 4.07 -1.68
C GLY A 223 0.79 2.70 -1.06
N ALA A 224 0.15 2.40 0.07
CA ALA A 224 0.17 1.06 0.63
C ALA A 224 -1.26 0.45 0.66
N GLN A 225 -1.35 -0.83 1.00
CA GLN A 225 -2.63 -1.48 1.04
C GLN A 225 -3.16 -1.37 -0.38
N GLY A 226 -4.45 -1.19 -0.49
CA GLY A 226 -5.19 -1.48 -1.73
C GLY A 226 -6.51 -0.69 -1.82
N THR A 227 -6.87 -0.35 -3.05
CA THR A 227 -7.99 0.54 -3.35
C THR A 227 -9.30 0.14 -2.70
N LEU A 228 -9.65 -1.17 -2.74
CA LEU A 228 -10.93 -1.60 -2.22
C LEU A 228 -10.95 -1.82 -0.70
N LEU A 229 -9.83 -1.48 -0.04
CA LEU A 229 -9.76 -1.30 1.43
C LEU A 229 -9.92 0.16 1.83
N ASP A 230 -10.14 1.05 0.87
CA ASP A 230 -10.29 2.48 1.16
C ASP A 230 -11.43 2.72 2.18
N ILE A 231 -11.14 3.49 3.20
CA ILE A 231 -12.16 3.73 4.25
C ILE A 231 -13.55 4.19 3.76
N ASP A 232 -13.57 4.98 2.69
CA ASP A 232 -14.86 5.49 2.14
C ASP A 232 -15.43 4.63 1.03
N HIS A 233 -14.55 4.30 0.08
CA HIS A 233 -14.96 3.73 -1.19
C HIS A 233 -14.77 2.23 -1.29
N GLY A 234 -14.12 1.64 -0.28
CA GLY A 234 -13.89 0.21 -0.23
C GLY A 234 -15.09 -0.58 0.26
N THR A 235 -14.85 -1.87 0.52
CA THR A 235 -15.93 -2.81 0.87
C THR A 235 -16.31 -2.67 2.36
N TYR A 236 -16.92 -1.55 2.70
CA TYR A 236 -17.29 -1.20 4.07
C TYR A 236 -18.22 -2.27 4.66
N PRO A 237 -17.93 -2.75 5.90
CA PRO A 237 -16.95 -2.28 6.89
C PRO A 237 -15.56 -2.92 6.85
N TYR A 238 -15.34 -3.76 5.85
CA TYR A 238 -14.08 -4.47 5.66
C TYR A 238 -13.11 -3.60 4.86
N VAL A 239 -12.69 -2.53 5.53
CA VAL A 239 -11.79 -1.50 5.02
C VAL A 239 -10.83 -1.07 6.11
N THR A 240 -9.79 -0.36 5.71
CA THR A 240 -8.78 0.17 6.65
C THR A 240 -9.14 1.54 7.18
N SER A 241 -8.25 2.09 8.02
CA SER A 241 -8.52 3.30 8.80
C SER A 241 -8.17 4.59 8.11
N SER A 242 -7.84 4.53 6.81
CA SER A 242 -7.50 5.70 6.05
C SER A 242 -7.87 5.50 4.60
N ASN A 243 -7.77 6.56 3.83
CA ASN A 243 -8.01 6.47 2.40
C ASN A 243 -6.78 5.78 1.79
N THR A 244 -6.99 4.95 0.79
CA THR A 244 -5.90 4.24 0.14
C THR A 244 -5.80 4.61 -1.36
N THR A 245 -6.74 5.40 -1.85
CA THR A 245 -6.77 5.76 -3.26
C THR A 245 -5.85 6.94 -3.58
N ALA A 246 -5.69 7.21 -4.87
CA ALA A 246 -4.75 8.19 -5.33
C ALA A 246 -5.16 9.59 -4.88
N GLY A 247 -6.43 9.74 -4.50
CA GLY A 247 -6.96 10.98 -3.97
C GLY A 247 -6.40 11.38 -2.63
N GLY A 248 -5.71 10.47 -1.97
CA GLY A 248 -4.99 10.83 -0.74
C GLY A 248 -3.62 11.48 -0.91
N VAL A 249 -3.07 11.47 -2.12
CA VAL A 249 -1.74 11.97 -2.36
C VAL A 249 -1.60 13.44 -1.94
N ALA A 250 -2.56 14.27 -2.35
CA ALA A 250 -2.45 15.70 -2.08
C ALA A 250 -2.54 15.98 -0.57
N THR A 251 -3.58 15.48 0.07
CA THR A 251 -3.77 15.79 1.48
C THR A 251 -2.66 15.11 2.30
N GLY A 252 -2.20 13.93 1.87
CA GLY A 252 -1.17 13.19 2.60
C GLY A 252 0.27 13.58 2.37
N SER A 253 0.52 14.53 1.46
CA SER A 253 1.86 15.01 1.19
C SER A 253 2.02 16.52 1.17
N GLY A 254 0.95 17.27 0.90
CA GLY A 254 1.00 18.68 0.56
C GLY A 254 1.20 19.05 -0.89
N LEU A 255 1.29 18.05 -1.77
CA LEU A 255 1.31 18.29 -3.20
C LEU A 255 0.03 19.00 -3.60
N GLY A 256 0.12 19.99 -4.48
CA GLY A 256 -1.09 20.59 -5.02
C GLY A 256 -1.88 19.59 -5.85
N PRO A 257 -3.19 19.51 -5.64
CA PRO A 257 -3.97 18.44 -6.24
C PRO A 257 -4.09 18.49 -7.76
N ARG A 258 -3.79 19.63 -8.39
CA ARG A 258 -3.76 19.63 -9.85
C ARG A 258 -2.55 18.90 -10.44
N TYR A 259 -1.61 18.50 -9.58
CA TYR A 259 -0.33 17.95 -10.08
C TYR A 259 -0.27 16.43 -9.90
N VAL A 260 -1.45 15.79 -9.83
CA VAL A 260 -1.52 14.30 -9.88
C VAL A 260 -1.51 13.93 -11.35
N ASP A 261 -0.33 13.82 -11.95
CA ASP A 261 -0.17 13.71 -13.39
C ASP A 261 -0.49 12.32 -13.98
N TYR A 262 0.09 11.29 -13.43
CA TYR A 262 -0.11 9.90 -13.93
C TYR A 262 -0.34 9.01 -12.73
N VAL A 263 -1.38 8.21 -12.77
CA VAL A 263 -1.69 7.26 -11.72
C VAL A 263 -1.49 5.85 -12.25
N LEU A 264 -0.51 5.13 -11.67
CA LEU A 264 -0.15 3.79 -12.07
C LEU A 264 -0.78 2.81 -11.08
N GLY A 265 -1.72 2.02 -11.56
CA GLY A 265 -2.36 1.03 -10.76
C GLY A 265 -1.60 -0.28 -10.84
N ILE A 266 -1.18 -0.79 -9.67
CA ILE A 266 -0.59 -2.12 -9.62
C ILE A 266 -1.73 -3.13 -9.52
N VAL A 267 -1.78 -4.04 -10.50
CA VAL A 267 -2.86 -5.03 -10.57
C VAL A 267 -2.24 -6.40 -10.66
N LYS A 268 -2.45 -7.20 -9.62
CA LYS A 268 -1.96 -8.56 -9.63
C LYS A 268 -2.79 -9.39 -10.62
N ALA A 269 -2.14 -10.34 -11.26
CA ALA A 269 -2.75 -11.17 -12.27
C ALA A 269 -3.90 -12.06 -11.79
N TYR A 270 -3.97 -12.21 -10.48
CA TYR A 270 -5.08 -12.87 -9.80
C TYR A 270 -5.36 -12.07 -8.53
N SER A 271 -6.45 -12.42 -7.85
CA SER A 271 -6.91 -11.68 -6.66
C SER A 271 -6.48 -12.34 -5.34
N THR A 272 -6.22 -11.49 -4.34
CA THR A 272 -6.13 -11.92 -2.94
C THR A 272 -6.91 -10.98 -2.03
N ARG A 273 -7.34 -11.52 -0.89
CA ARG A 273 -7.74 -10.72 0.26
C ARG A 273 -7.13 -11.37 1.49
N VAL A 274 -6.76 -10.54 2.47
CA VAL A 274 -6.35 -11.02 3.79
C VAL A 274 -7.46 -10.73 4.78
N GLY A 275 -7.86 -11.74 5.54
CA GLY A 275 -8.97 -11.54 6.47
C GLY A 275 -10.32 -11.43 5.78
N ALA A 276 -11.33 -11.05 6.57
CA ALA A 276 -12.72 -11.16 6.15
C ALA A 276 -13.10 -10.05 5.21
N GLY A 277 -14.13 -10.34 4.45
CA GLY A 277 -14.75 -9.34 3.56
C GLY A 277 -15.16 -9.95 2.26
N PRO A 278 -16.01 -9.23 1.51
CA PRO A 278 -16.51 -9.86 0.29
C PRO A 278 -15.45 -10.11 -0.77
N PHE A 279 -15.61 -11.23 -1.47
CA PHE A 279 -14.61 -11.69 -2.40
C PHE A 279 -15.26 -12.58 -3.44
N PRO A 280 -15.92 -11.95 -4.43
CA PRO A 280 -16.69 -12.75 -5.39
C PRO A 280 -15.98 -13.90 -6.08
N THR A 281 -14.72 -13.68 -6.46
CA THR A 281 -13.98 -14.64 -7.25
C THR A 281 -13.13 -15.60 -6.41
N GLU A 282 -13.37 -15.62 -5.10
CA GLU A 282 -12.65 -16.50 -4.17
C GLU A 282 -12.69 -17.96 -4.65
N LEU A 283 -11.55 -18.60 -4.58
CA LEU A 283 -11.39 -20.00 -4.97
C LEU A 283 -11.00 -20.80 -3.74
N ASN A 284 -11.95 -21.56 -3.23
CA ASN A 284 -11.73 -22.51 -2.13
C ASN A 284 -11.58 -23.89 -2.68
N ASP A 285 -10.66 -24.04 -3.60
CA ASP A 285 -10.46 -25.31 -4.28
C ASP A 285 -8.97 -25.40 -4.62
N GLU A 286 -8.64 -26.38 -5.44
CA GLU A 286 -7.27 -26.65 -5.78
C GLU A 286 -6.62 -25.58 -6.61
N THR A 287 -7.41 -24.87 -7.41
CA THR A 287 -6.88 -23.74 -8.15
C THR A 287 -6.44 -22.66 -7.14
N GLY A 288 -7.25 -22.43 -6.14
CA GLY A 288 -6.92 -21.44 -5.11
C GLY A 288 -5.65 -21.80 -4.35
N GLU A 289 -5.46 -23.09 -4.03
CA GLU A 289 -4.26 -23.51 -3.33
C GLU A 289 -3.04 -23.37 -4.23
N PHE A 290 -3.21 -23.66 -5.53
CA PHE A 290 -2.15 -23.48 -6.53
C PHE A 290 -1.73 -22.00 -6.56
N LEU A 291 -2.68 -21.08 -6.64
CA LEU A 291 -2.35 -19.65 -6.65
C LEU A 291 -1.62 -19.28 -5.38
N ARG A 292 -2.09 -19.79 -4.24
CA ARG A 292 -1.46 -19.48 -2.96
C ARG A 292 -0.01 -19.95 -2.88
N LYS A 293 0.24 -21.18 -3.35
CA LYS A 293 1.57 -21.71 -3.37
C LYS A 293 2.49 -21.00 -4.37
N GLN A 294 2.04 -20.89 -5.61
CA GLN A 294 2.87 -20.33 -6.67
C GLN A 294 3.12 -18.85 -6.47
N GLY A 295 2.19 -18.16 -5.82
CA GLY A 295 2.30 -16.74 -5.58
C GLY A 295 2.86 -16.41 -4.19
N ASN A 296 3.21 -17.43 -3.40
CA ASN A 296 3.76 -17.23 -2.08
C ASN A 296 2.85 -16.31 -1.27
N GLU A 297 1.61 -16.73 -1.14
CA GLU A 297 0.54 -15.94 -0.51
C GLU A 297 0.15 -16.39 0.90
N TYR A 298 1.05 -17.11 1.60
CA TYR A 298 0.74 -17.63 2.91
C TYR A 298 0.82 -16.62 4.04
N GLY A 299 1.39 -15.45 3.77
CA GLY A 299 1.62 -14.44 4.78
C GLY A 299 2.67 -14.87 5.76
N ALA A 300 2.72 -14.13 6.86
CA ALA A 300 3.81 -14.25 7.83
C ALA A 300 3.37 -14.75 9.21
N THR A 301 2.07 -14.84 9.47
CA THR A 301 1.56 -15.16 10.78
C THR A 301 0.18 -15.78 10.69
N THR A 302 -0.26 -16.43 11.77
CA THR A 302 -1.60 -17.01 11.89
C THR A 302 -2.73 -16.06 11.45
N GLY A 303 -3.57 -16.57 10.57
CA GLY A 303 -4.73 -15.85 10.11
C GLY A 303 -4.44 -14.87 8.99
N ARG A 304 -3.20 -14.82 8.52
CA ARG A 304 -2.84 -13.93 7.40
C ARG A 304 -2.47 -14.68 6.11
N SER A 305 -2.88 -15.94 6.00
CA SER A 305 -2.84 -16.62 4.73
C SER A 305 -3.91 -15.96 3.84
N ARG A 306 -3.49 -15.51 2.69
CA ARG A 306 -4.37 -14.81 1.78
C ARG A 306 -5.38 -15.76 1.17
N ARG A 307 -6.63 -15.32 1.16
CA ARG A 307 -7.65 -15.91 0.31
C ARG A 307 -7.22 -15.57 -1.14
N THR A 308 -7.38 -16.51 -2.07
CA THR A 308 -7.02 -16.29 -3.48
C THR A 308 -8.23 -16.49 -4.38
N GLY A 309 -8.15 -15.93 -5.55
CA GLY A 309 -9.22 -16.02 -6.53
C GLY A 309 -8.82 -15.46 -7.86
N TRP A 310 -9.71 -15.61 -8.85
CA TRP A 310 -9.40 -15.08 -10.17
C TRP A 310 -9.41 -13.54 -10.15
N LEU A 311 -8.73 -12.98 -11.14
CA LEU A 311 -8.78 -11.52 -11.37
C LEU A 311 -10.23 -11.09 -11.58
N ASP A 312 -10.61 -10.02 -10.88
CA ASP A 312 -11.99 -9.58 -10.86
C ASP A 312 -12.05 -8.22 -11.58
N ILE A 313 -12.47 -8.24 -12.84
CA ILE A 313 -12.53 -7.05 -13.65
C ILE A 313 -13.63 -6.09 -13.20
N VAL A 314 -14.74 -6.60 -12.65
CA VAL A 314 -15.77 -5.71 -12.09
C VAL A 314 -15.12 -4.83 -11.00
N ALA A 315 -14.41 -5.47 -10.09
CA ALA A 315 -13.78 -4.76 -8.99
C ALA A 315 -12.66 -3.86 -9.49
N VAL A 316 -11.87 -4.34 -10.42
CA VAL A 316 -10.80 -3.53 -10.98
C VAL A 316 -11.36 -2.28 -11.67
N ARG A 317 -12.50 -2.43 -12.39
CA ARG A 317 -13.14 -1.26 -12.99
C ARG A 317 -13.46 -0.21 -11.93
N ARG A 318 -13.88 -0.62 -10.75
CA ARG A 318 -14.14 0.35 -9.68
C ARG A 318 -12.86 1.10 -9.33
N ALA A 319 -11.72 0.40 -9.25
CA ALA A 319 -10.46 1.02 -8.96
C ALA A 319 -9.99 1.95 -10.07
N VAL A 320 -10.24 1.58 -11.33
CA VAL A 320 -9.95 2.49 -12.45
C VAL A 320 -10.66 3.83 -12.29
N GLN A 321 -11.93 3.74 -11.93
CA GLN A 321 -12.79 4.90 -11.74
C GLN A 321 -12.36 5.78 -10.56
N ILE A 322 -12.25 5.21 -9.36
CA ILE A 322 -11.98 6.09 -8.23
C ILE A 322 -10.57 6.62 -8.19
N ASN A 323 -9.62 5.94 -8.86
CA ASN A 323 -8.27 6.43 -8.95
C ASN A 323 -7.94 7.25 -10.21
N SER A 324 -8.89 7.34 -11.14
CA SER A 324 -8.58 7.81 -12.48
C SER A 324 -7.27 7.21 -13.02
N LEU A 325 -7.18 5.88 -13.04
CA LEU A 325 -5.93 5.26 -13.47
C LEU A 325 -5.54 5.67 -14.85
N SER A 326 -4.23 5.88 -15.00
CA SER A 326 -3.60 6.21 -16.27
C SER A 326 -3.11 4.98 -16.99
N GLY A 327 -2.65 4.02 -16.22
CA GLY A 327 -2.10 2.79 -16.74
C GLY A 327 -1.92 1.79 -15.62
N PHE A 328 -1.74 0.55 -16.00
CA PHE A 328 -1.48 -0.55 -15.08
C PHE A 328 -0.05 -1.07 -15.16
N CYS A 329 0.44 -1.57 -14.03
CA CYS A 329 1.50 -2.55 -14.04
C CYS A 329 0.91 -3.86 -13.58
N MET A 330 0.94 -4.87 -14.43
CA MET A 330 0.44 -6.20 -14.03
C MET A 330 1.57 -6.99 -13.41
N THR A 331 1.34 -7.49 -12.21
CA THR A 331 2.31 -8.25 -11.45
C THR A 331 1.93 -9.72 -11.33
N LYS A 332 2.95 -10.47 -10.97
CA LYS A 332 2.83 -11.89 -10.73
C LYS A 332 2.17 -12.70 -11.85
N LEU A 333 2.40 -12.29 -13.09
CA LEU A 333 1.84 -12.97 -14.25
C LEU A 333 2.31 -14.45 -14.25
N ASP A 334 3.56 -14.67 -13.82
CA ASP A 334 4.17 -15.99 -13.73
C ASP A 334 3.41 -16.98 -12.86
N VAL A 335 2.64 -16.48 -11.89
CA VAL A 335 1.87 -17.37 -11.01
C VAL A 335 0.88 -18.21 -11.81
N LEU A 336 0.37 -17.66 -12.90
CA LEU A 336 -0.62 -18.34 -13.72
C LEU A 336 -0.01 -19.37 -14.67
N ASP A 337 1.32 -19.40 -14.76
CA ASP A 337 1.99 -20.28 -15.71
C ASP A 337 1.51 -21.71 -15.52
N GLY A 338 1.15 -22.33 -16.62
CA GLY A 338 0.80 -23.76 -16.59
C GLY A 338 -0.67 -24.11 -16.43
N LEU A 339 -1.47 -23.18 -15.93
CA LEU A 339 -2.89 -23.40 -15.86
C LEU A 339 -3.44 -23.68 -17.24
N LYS A 340 -4.26 -24.71 -17.37
CA LYS A 340 -4.89 -25.01 -18.66
C LYS A 340 -5.79 -23.91 -19.15
N GLU A 341 -6.54 -23.32 -18.23
CA GLU A 341 -7.38 -22.19 -18.52
C GLU A 341 -7.26 -21.18 -17.40
N VAL A 342 -7.50 -19.93 -17.78
CA VAL A 342 -7.60 -18.85 -16.83
C VAL A 342 -8.94 -18.15 -17.00
N LYS A 343 -9.38 -17.49 -15.93
CA LYS A 343 -10.66 -16.79 -15.94
C LYS A 343 -10.58 -15.35 -15.54
N LEU A 344 -11.43 -14.54 -16.15
CA LEU A 344 -11.64 -13.14 -15.74
C LEU A 344 -13.10 -12.98 -15.34
N CYS A 345 -13.35 -12.37 -14.20
CA CYS A 345 -14.74 -12.08 -13.81
C CYS A 345 -15.12 -10.78 -14.44
N VAL A 346 -16.09 -10.84 -15.34
CA VAL A 346 -16.53 -9.67 -16.09
C VAL A 346 -17.91 -9.14 -15.70
N GLY A 347 -18.59 -9.86 -14.82
CA GLY A 347 -19.87 -9.45 -14.32
C GLY A 347 -20.20 -10.14 -13.04
N TYR A 348 -21.16 -9.57 -12.33
CA TYR A 348 -21.72 -10.17 -11.14
C TYR A 348 -23.18 -10.53 -11.38
N ARG A 349 -23.52 -11.77 -11.05
CA ARG A 349 -24.92 -12.18 -11.01
C ARG A 349 -25.40 -12.04 -9.56
N MET A 350 -26.35 -11.12 -9.35
CA MET A 350 -26.90 -10.85 -8.03
C MET A 350 -27.88 -11.94 -7.62
N PRO A 351 -28.16 -12.04 -6.32
CA PRO A 351 -29.12 -13.04 -5.88
C PRO A 351 -30.48 -13.00 -6.61
N ASP A 352 -30.95 -11.82 -7.03
CA ASP A 352 -32.23 -11.75 -7.76
C ASP A 352 -32.15 -12.09 -9.24
N GLY A 353 -30.96 -12.45 -9.71
CA GLY A 353 -30.77 -12.84 -11.10
C GLY A 353 -30.29 -11.75 -12.03
N ARG A 354 -30.25 -10.50 -11.58
CA ARG A 354 -29.74 -9.41 -12.39
C ARG A 354 -28.25 -9.64 -12.62
N GLU A 355 -27.79 -9.33 -13.83
CA GLU A 355 -26.37 -9.41 -14.18
C GLU A 355 -25.87 -7.98 -14.36
N VAL A 356 -24.87 -7.58 -13.55
CA VAL A 356 -24.35 -6.22 -13.52
C VAL A 356 -22.83 -6.22 -13.71
N ASP A 357 -22.26 -5.10 -14.16
CA ASP A 357 -20.81 -5.06 -14.37
C ASP A 357 -20.12 -3.97 -13.58
N THR A 358 -20.80 -3.54 -12.53
CA THR A 358 -20.30 -2.59 -11.55
C THR A 358 -20.44 -3.12 -10.12
N THR A 359 -19.51 -2.78 -9.24
CA THR A 359 -19.54 -3.29 -7.87
C THR A 359 -20.76 -2.76 -7.18
N PRO A 360 -21.36 -3.57 -6.31
CA PRO A 360 -22.54 -3.09 -5.66
C PRO A 360 -22.24 -2.06 -4.60
N LEU A 361 -23.21 -1.18 -4.36
CA LEU A 361 -23.16 -0.28 -3.21
C LEU A 361 -23.23 -1.12 -1.91
N ALA A 362 -22.61 -0.64 -0.81
CA ALA A 362 -22.78 -1.29 0.51
C ALA A 362 -24.28 -1.38 0.87
N ALA A 363 -25.05 -0.41 0.36
CA ALA A 363 -26.52 -0.38 0.51
C ALA A 363 -27.19 -1.67 0.04
N GLU A 364 -26.66 -2.22 -1.05
CA GLU A 364 -27.24 -3.44 -1.63
C GLU A 364 -26.52 -4.65 -1.05
N GLY A 365 -25.20 -4.57 -1.02
CA GLY A 365 -24.41 -5.60 -0.43
C GLY A 365 -23.85 -6.56 -1.49
N TRP A 366 -22.80 -7.23 -1.08
CA TRP A 366 -22.09 -8.18 -1.89
C TRP A 366 -22.53 -9.61 -1.62
N GLU A 367 -23.44 -9.79 -0.66
CA GLU A 367 -23.84 -11.13 -0.30
C GLU A 367 -24.44 -11.90 -1.46
N GLY A 368 -23.96 -13.13 -1.67
CA GLY A 368 -24.58 -14.01 -2.65
C GLY A 368 -24.26 -13.79 -4.12
N ILE A 369 -23.34 -12.87 -4.41
CA ILE A 369 -22.89 -12.66 -5.78
C ILE A 369 -22.31 -13.94 -6.38
N GLU A 370 -22.69 -14.24 -7.61
CA GLU A 370 -22.04 -15.28 -8.37
C GLU A 370 -21.21 -14.59 -9.45
N PRO A 371 -19.90 -14.85 -9.50
CA PRO A 371 -19.13 -14.24 -10.57
C PRO A 371 -19.49 -14.83 -11.95
N ILE A 372 -19.47 -13.97 -12.95
CA ILE A 372 -19.64 -14.34 -14.34
C ILE A 372 -18.29 -14.22 -15.01
N TYR A 373 -17.81 -15.32 -15.56
CA TYR A 373 -16.46 -15.38 -16.10
C TYR A 373 -16.40 -15.47 -17.60
N GLU A 374 -15.34 -14.87 -18.14
CA GLU A 374 -14.75 -15.26 -19.40
C GLU A 374 -13.65 -16.27 -19.09
N THR A 375 -13.65 -17.39 -19.79
CA THR A 375 -12.63 -18.39 -19.67
C THR A 375 -11.77 -18.34 -20.94
N MET A 376 -10.46 -18.36 -20.77
CA MET A 376 -9.47 -18.20 -21.81
C MET A 376 -8.40 -19.25 -21.69
N PRO A 377 -7.71 -19.56 -22.80
CA PRO A 377 -6.64 -20.53 -22.65
C PRO A 377 -5.51 -20.02 -21.77
N GLY A 378 -4.94 -20.91 -20.98
CA GLY A 378 -3.74 -20.61 -20.26
C GLY A 378 -2.56 -20.81 -21.20
N TRP A 379 -1.38 -20.78 -20.62
CA TRP A 379 -0.13 -20.99 -21.35
C TRP A 379 0.75 -22.00 -20.63
N SER A 380 1.31 -22.93 -21.41
CA SER A 380 2.23 -23.93 -20.88
C SER A 380 3.68 -23.41 -20.95
N GLU A 381 4.00 -22.64 -22.00
CA GLU A 381 5.30 -21.93 -22.10
C GLU A 381 5.23 -20.87 -21.04
N THR A 382 6.34 -20.66 -20.37
CA THR A 382 6.29 -19.79 -19.19
C THR A 382 6.39 -18.33 -19.51
N THR A 383 5.76 -17.52 -18.66
CA THR A 383 6.10 -16.09 -18.60
C THR A 383 7.25 -15.85 -17.63
N PHE A 384 7.46 -16.75 -16.67
CA PHE A 384 8.58 -16.64 -15.82
C PHE A 384 9.80 -16.73 -16.80
N GLY A 385 10.79 -15.97 -16.45
CA GLY A 385 12.00 -15.84 -17.26
C GLY A 385 11.94 -14.91 -18.44
N VAL A 386 10.79 -14.26 -18.66
CA VAL A 386 10.63 -13.43 -19.84
C VAL A 386 10.92 -11.95 -19.58
N LYS A 387 11.82 -11.41 -20.41
CA LYS A 387 12.23 -10.00 -20.34
C LYS A 387 12.10 -9.29 -21.68
N GLU A 388 11.67 -10.02 -22.73
CA GLU A 388 11.34 -9.39 -24.02
C GLU A 388 9.87 -9.61 -24.32
N HIS A 389 9.16 -8.53 -24.66
CA HIS A 389 7.72 -8.59 -24.85
C HIS A 389 7.35 -9.61 -25.92
N SER A 390 8.12 -9.66 -27.02
CA SER A 390 7.81 -10.57 -28.13
C SER A 390 8.01 -12.05 -27.77
N LYS A 391 8.66 -12.32 -26.64
CA LYS A 391 8.87 -13.69 -26.19
C LYS A 391 7.81 -14.17 -25.17
N LEU A 392 6.85 -13.31 -24.84
CA LEU A 392 5.74 -13.79 -23.99
C LEU A 392 4.89 -14.77 -24.81
N PRO A 393 4.39 -15.84 -24.19
CA PRO A 393 3.44 -16.72 -24.86
C PRO A 393 2.25 -15.93 -25.36
N GLN A 394 1.72 -16.29 -26.51
CA GLN A 394 0.62 -15.56 -27.07
C GLN A 394 -0.61 -15.56 -26.17
N ALA A 395 -0.88 -16.66 -25.49
CA ALA A 395 -2.07 -16.71 -24.61
C ALA A 395 -1.92 -15.72 -23.46
N ALA A 396 -0.69 -15.48 -23.01
CA ALA A 396 -0.44 -14.47 -21.95
C ALA A 396 -0.61 -13.07 -22.54
N LEU A 397 -0.10 -12.86 -23.73
CA LEU A 397 -0.33 -11.56 -24.41
C LEU A 397 -1.82 -11.32 -24.56
N ASN A 398 -2.59 -12.38 -24.87
CA ASN A 398 -4.02 -12.25 -25.03
C ASN A 398 -4.73 -11.91 -23.73
N TYR A 399 -4.27 -12.51 -22.65
CA TYR A 399 -4.84 -12.22 -21.33
C TYR A 399 -4.65 -10.74 -21.01
N ILE A 400 -3.43 -10.26 -21.23
CA ILE A 400 -3.10 -8.89 -20.99
C ILE A 400 -3.97 -7.98 -21.84
N GLN A 401 -4.05 -8.30 -23.12
CA GLN A 401 -4.87 -7.52 -24.06
C GLN A 401 -6.34 -7.46 -23.59
N ARG A 402 -6.87 -8.57 -23.13
CA ARG A 402 -8.26 -8.62 -22.76
C ARG A 402 -8.51 -7.74 -21.52
N VAL A 403 -7.60 -7.74 -20.57
CA VAL A 403 -7.78 -6.86 -19.43
C VAL A 403 -7.77 -5.36 -19.88
N GLU A 404 -6.89 -5.02 -20.79
CA GLU A 404 -6.88 -3.67 -21.37
C GLU A 404 -8.22 -3.34 -22.00
N GLU A 405 -8.75 -4.28 -22.77
CA GLU A 405 -10.01 -4.06 -23.48
C GLU A 405 -11.14 -3.83 -22.52
N LEU A 406 -11.19 -4.63 -21.47
CA LEU A 406 -12.30 -4.59 -20.53
C LEU A 406 -12.27 -3.36 -19.66
N THR A 407 -11.07 -2.84 -19.39
CA THR A 407 -10.91 -1.69 -18.49
C THR A 407 -10.72 -0.36 -19.16
N GLY A 408 -10.29 -0.38 -20.43
CA GLY A 408 -9.92 0.82 -21.14
C GLY A 408 -8.59 1.45 -20.73
N VAL A 409 -7.81 0.72 -19.93
CA VAL A 409 -6.54 1.20 -19.38
C VAL A 409 -5.38 0.30 -19.87
N PRO A 410 -4.30 0.89 -20.38
CA PRO A 410 -3.19 0.07 -20.93
C PRO A 410 -2.39 -0.54 -19.82
N ILE A 411 -1.84 -1.70 -20.10
CA ILE A 411 -0.89 -2.34 -19.22
C ILE A 411 0.48 -1.90 -19.73
N ASP A 412 1.04 -0.89 -19.04
CA ASP A 412 2.29 -0.25 -19.44
C ASP A 412 3.57 -0.90 -18.92
N ILE A 413 3.44 -1.77 -17.93
CA ILE A 413 4.53 -2.47 -17.29
C ILE A 413 4.02 -3.87 -16.97
N ILE A 414 4.85 -4.87 -17.26
CA ILE A 414 4.53 -6.27 -16.98
C ILE A 414 5.64 -6.83 -16.12
N SER A 415 5.27 -7.45 -15.00
CA SER A 415 6.21 -8.11 -14.10
C SER A 415 6.04 -9.62 -14.10
N THR A 416 7.16 -10.33 -14.30
CA THR A 416 7.19 -11.78 -14.43
C THR A 416 8.04 -12.47 -13.37
N GLY A 417 8.38 -11.74 -12.31
CA GLY A 417 9.09 -12.32 -11.17
C GLY A 417 9.38 -11.24 -10.16
N PRO A 418 9.91 -11.63 -9.01
CA PRO A 418 10.11 -10.71 -7.90
C PRO A 418 11.26 -9.73 -8.05
N ASP A 419 12.23 -10.05 -8.89
CA ASP A 419 13.41 -9.22 -9.05
C ASP A 419 13.11 -7.98 -9.88
N ARG A 420 13.83 -6.91 -9.58
CA ARG A 420 13.78 -5.65 -10.33
C ARG A 420 13.88 -5.91 -11.82
N ASP A 421 14.71 -6.86 -12.26
CA ASP A 421 14.96 -7.13 -13.70
C ASP A 421 13.97 -8.04 -14.42
N GLU A 422 13.06 -8.62 -13.64
CA GLU A 422 12.04 -9.51 -14.18
C GLU A 422 10.80 -8.69 -14.54
N THR A 423 11.00 -7.75 -15.45
CA THR A 423 10.06 -6.66 -15.71
C THR A 423 10.23 -6.16 -17.15
N MET A 424 9.14 -5.74 -17.76
CA MET A 424 9.15 -5.10 -19.08
C MET A 424 8.42 -3.77 -18.93
N ILE A 425 9.13 -2.67 -19.05
CA ILE A 425 8.52 -1.34 -19.02
C ILE A 425 8.22 -0.96 -20.48
N LEU A 426 6.97 -1.13 -20.88
CA LEU A 426 6.56 -0.86 -22.26
C LEU A 426 6.44 0.65 -22.50
N ARG A 427 5.91 1.34 -21.50
CA ARG A 427 5.80 2.81 -21.52
C ARG A 427 6.18 3.30 -20.15
N ASP A 428 7.20 4.15 -20.07
CA ASP A 428 7.60 4.61 -18.74
C ASP A 428 6.59 5.72 -18.33
N PRO A 429 6.00 5.58 -17.14
CA PRO A 429 4.94 6.47 -16.73
C PRO A 429 5.38 7.90 -16.52
N PHE A 430 6.67 8.14 -16.42
CA PHE A 430 7.14 9.52 -16.21
C PHE A 430 7.03 10.36 -17.49
N ASP A 431 6.83 9.72 -18.64
CA ASP A 431 6.76 10.50 -19.91
C ASP A 431 5.71 11.62 -19.99
N ALA A 432 6.11 12.76 -20.54
CA ALA A 432 5.15 13.80 -20.90
C ALA A 432 4.15 13.23 -21.89
#